data_8ZW3
#
_entry.id   8ZW3
#
loop_
_entity.id
_entity.type
_entity.pdbx_description
1 polymer "DNA (5'-D(*TP*CP*TP*GP*GP*GP*CP*GP*GP*GP*CP*GP*AP*GP*GP*GP*CP*GP*GP*GP*AP*GP*C)-3')"
2 non-polymer BERBERINE
#
_entity_poly.entity_id   1
_entity_poly.type   'polydeoxyribonucleotide'
_entity_poly.pdbx_seq_one_letter_code
;(DT)(DC)(DT)(DG)(DG)(DG)(DC)(DG)(DG)(DG)(DC)(DG)(DA)(DG)(DG)(DG)(DC)(DG)(DG)(DG)
(DA)(DG)(DC)
;
_entity_poly.pdbx_strand_id   X
#